data_5COG
#
_entry.id   5COG
#
_cell.length_a   146.570
_cell.length_b   38.690
_cell.length_c   67.100
_cell.angle_alpha   90.00
_cell.angle_beta   108.59
_cell.angle_gamma   90.00
#
_symmetry.space_group_name_H-M   'C 1 2 1'
#
loop_
_entity.id
_entity.type
_entity.pdbx_description
1 polymer IRC4
2 non-polymer 'PHOSPHATE ION'
3 non-polymer 'CHLORIDE ION'
4 non-polymer 'POTASSIUM ION'
5 water water
#
_entity_poly.entity_id   1
_entity_poly.type   'polypeptide(L)'
_entity_poly.pdbx_seq_one_letter_code
;MRGSHHHHHHGSMREYTSKKELKEEIEKKYEKYDAEFETISESQKDEKVETVDRTPSENLSYQLGWVNLLLEWEAKEIAG
YNVETPAPGYKWNNLGGLYQSFYKKYGIYSIKEQRAKLREAVNEVYKWISTLSDDELFQAGNRKWATTKAMWPVYKWIHI
NTVAPFTNFRGKIRKWKRLVPEEQRIKRRKI
;
_entity_poly.pdbx_strand_id   A,B
#
loop_
_chem_comp.id
_chem_comp.type
_chem_comp.name
_chem_comp.formula
CL non-polymer 'CHLORIDE ION' 'Cl -1'
K non-polymer 'POTASSIUM ION' 'K 1'
PO4 non-polymer 'PHOSPHATE ION' 'O4 P -3'
#
# COMPACT_ATOMS: atom_id res chain seq x y z
N GLU A 15 14.25 -2.56 -17.29
CA GLU A 15 14.42 -4.01 -17.21
C GLU A 15 13.53 -4.64 -16.13
N TYR A 16 12.62 -5.51 -16.55
CA TYR A 16 11.73 -6.21 -15.62
C TYR A 16 11.68 -7.71 -15.89
N THR A 17 11.71 -8.50 -14.82
CA THR A 17 11.74 -9.97 -14.94
C THR A 17 10.39 -10.62 -14.69
N SER A 18 9.49 -9.92 -14.01
CA SER A 18 8.21 -10.51 -13.62
C SER A 18 7.07 -9.51 -13.47
N LYS A 19 5.84 -10.00 -13.52
CA LYS A 19 4.67 -9.14 -13.30
C LYS A 19 4.73 -8.49 -11.93
N LYS A 20 5.11 -9.28 -10.93
CA LYS A 20 5.20 -8.76 -9.56
C LYS A 20 6.18 -7.59 -9.47
N GLU A 21 7.33 -7.73 -10.12
CA GLU A 21 8.36 -6.69 -10.11
C GLU A 21 7.86 -5.39 -10.73
N LEU A 22 7.14 -5.52 -11.85
CA LEU A 22 6.60 -4.36 -12.55
C LEU A 22 5.51 -3.70 -11.75
N LYS A 23 4.56 -4.50 -11.25
CA LYS A 23 3.47 -3.96 -10.45
C LYS A 23 4.01 -3.24 -9.21
N GLU A 24 4.98 -3.85 -8.54
CA GLU A 24 5.52 -3.24 -7.33
C GLU A 24 6.25 -1.91 -7.60
N GLU A 25 6.91 -1.82 -8.75
CA GLU A 25 7.63 -0.59 -9.07
C GLU A 25 6.64 0.50 -9.43
N ILE A 26 5.59 0.16 -10.18
CA ILE A 26 4.54 1.12 -10.47
C ILE A 26 3.94 1.65 -9.17
N GLU A 27 3.56 0.75 -8.28
CA GLU A 27 2.94 1.13 -7.02
C GLU A 27 3.87 2.02 -6.20
N LYS A 28 5.14 1.65 -6.15
CA LYS A 28 6.13 2.41 -5.38
C LYS A 28 6.21 3.84 -5.90
N LYS A 29 6.35 4.00 -7.21
CA LYS A 29 6.48 5.32 -7.79
C LYS A 29 5.13 6.05 -7.80
N TYR A 30 4.04 5.35 -8.07
CA TYR A 30 2.73 6.01 -8.06
C TYR A 30 2.39 6.58 -6.66
N GLU A 31 2.59 5.80 -5.61
CA GLU A 31 2.18 6.27 -4.29
C GLU A 31 3.02 7.47 -3.85
N LYS A 32 4.30 7.50 -4.24
CA LYS A 32 5.13 8.64 -3.87
C LYS A 32 4.66 9.89 -4.59
N TYR A 33 4.17 9.69 -5.81
CA TYR A 33 3.71 10.80 -6.64
C TYR A 33 2.40 11.36 -6.10
N ASP A 34 1.42 10.48 -5.91
CA ASP A 34 0.11 10.90 -5.43
C ASP A 34 0.19 11.58 -4.07
N ALA A 35 1.08 11.08 -3.21
CA ALA A 35 1.20 11.59 -1.85
C ALA A 35 1.57 13.07 -1.82
N GLU A 36 2.27 13.53 -2.86
CA GLU A 36 2.68 14.94 -2.89
C GLU A 36 1.50 15.90 -3.00
N PHE A 37 0.35 15.41 -3.45
CA PHE A 37 -0.79 16.31 -3.65
C PHE A 37 -1.63 16.53 -2.39
N GLU A 38 -1.30 15.82 -1.32
CA GLU A 38 -2.10 15.86 -0.09
C GLU A 38 -2.09 17.27 0.55
N THR A 39 -0.98 17.99 0.41
CA THR A 39 -0.82 19.30 1.05
C THR A 39 -1.13 20.47 0.12
N ILE A 40 -1.55 20.16 -1.10
CA ILE A 40 -1.84 21.18 -2.08
C ILE A 40 -3.30 21.64 -1.97
N SER A 41 -3.49 22.96 -1.87
CA SER A 41 -4.84 23.52 -1.75
C SER A 41 -5.54 23.46 -3.09
N GLU A 42 -6.83 23.13 -3.07
CA GLU A 42 -7.67 23.20 -4.26
C GLU A 42 -7.65 24.58 -4.86
N SER A 43 -7.56 25.61 -4.01
CA SER A 43 -7.56 26.99 -4.48
C SER A 43 -6.34 27.33 -5.32
N GLN A 44 -5.28 26.51 -5.23
CA GLN A 44 -4.05 26.81 -5.94
C GLN A 44 -3.78 25.85 -7.09
N LYS A 45 -4.79 25.05 -7.45
CA LYS A 45 -4.57 23.96 -8.40
C LYS A 45 -4.22 24.42 -9.81
N ASP A 46 -4.49 25.69 -10.12
CA ASP A 46 -4.24 26.20 -11.46
C ASP A 46 -3.13 27.26 -11.50
N GLU A 47 -2.38 27.40 -10.41
CA GLU A 47 -1.36 28.44 -10.38
C GLU A 47 -0.17 28.05 -11.25
N LYS A 48 0.20 28.91 -12.19
CA LYS A 48 1.39 28.70 -12.98
C LYS A 48 2.61 29.36 -12.31
N VAL A 49 3.57 28.53 -11.94
CA VAL A 49 4.74 28.97 -11.19
C VAL A 49 5.95 29.06 -12.12
N GLU A 50 6.78 30.08 -11.92
CA GLU A 50 7.92 30.37 -12.80
C GLU A 50 8.91 29.18 -12.94
N THR A 51 9.17 28.83 -14.20
CA THR A 51 10.04 27.72 -14.66
C THR A 51 9.47 26.34 -14.40
N VAL A 52 8.26 26.23 -13.85
CA VAL A 52 7.60 24.94 -13.70
C VAL A 52 6.53 24.84 -14.77
N ASP A 53 6.68 23.90 -15.70
CA ASP A 53 5.86 23.90 -16.92
C ASP A 53 4.36 23.63 -16.71
N ARG A 54 4.00 22.91 -15.66
CA ARG A 54 2.60 22.57 -15.40
C ARG A 54 2.14 22.95 -13.98
N THR A 55 0.85 23.25 -13.89
CA THR A 55 0.14 23.39 -12.63
C THR A 55 -0.10 22.02 -12.02
N PRO A 56 -0.51 21.96 -10.74
CA PRO A 56 -0.90 20.67 -10.15
C PRO A 56 -2.02 19.99 -10.95
N SER A 57 -3.05 20.73 -11.33
CA SER A 57 -4.14 20.17 -12.12
C SER A 57 -3.66 19.66 -13.48
N GLU A 58 -2.81 20.42 -14.16
CA GLU A 58 -2.24 19.98 -15.44
C GLU A 58 -1.35 18.75 -15.29
N ASN A 59 -0.65 18.68 -14.17
CA ASN A 59 0.24 17.56 -13.86
C ASN A 59 -0.56 16.27 -13.77
N LEU A 60 -1.62 16.30 -12.98
CA LEU A 60 -2.51 15.16 -12.88
C LEU A 60 -3.20 14.82 -14.21
N SER A 61 -3.69 15.84 -14.93
CA SER A 61 -4.35 15.61 -16.22
C SER A 61 -3.44 14.92 -17.25
N TYR A 62 -2.16 15.23 -17.18
CA TYR A 62 -1.18 14.56 -18.03
C TYR A 62 -1.13 13.06 -17.74
N GLN A 63 -1.18 12.66 -16.48
CA GLN A 63 -1.11 11.22 -16.17
C GLN A 63 -2.40 10.53 -16.56
N LEU A 64 -3.50 11.20 -16.25
CA LEU A 64 -4.82 10.69 -16.62
C LEU A 64 -4.89 10.48 -18.11
N GLY A 65 -4.34 11.42 -18.87
CA GLY A 65 -4.31 11.30 -20.31
C GLY A 65 -3.59 10.05 -20.80
N TRP A 66 -2.31 9.91 -20.47
CA TRP A 66 -1.53 8.80 -20.98
C TRP A 66 -1.93 7.45 -20.43
N VAL A 67 -2.21 7.38 -19.13
CA VAL A 67 -2.56 6.09 -18.53
C VAL A 67 -3.86 5.61 -19.15
N ASN A 68 -4.84 6.49 -19.26
CA ASN A 68 -6.09 6.08 -19.90
C ASN A 68 -5.94 5.77 -21.39
N LEU A 69 -5.04 6.46 -22.07
CA LEU A 69 -4.79 6.19 -23.49
C LEU A 69 -4.18 4.80 -23.67
N LEU A 70 -3.21 4.47 -22.82
CA LEU A 70 -2.61 3.13 -22.82
C LEU A 70 -3.69 2.05 -22.70
N LEU A 71 -4.54 2.19 -21.69
CA LEU A 71 -5.61 1.24 -21.45
C LEU A 71 -6.55 1.19 -22.64
N GLU A 72 -6.81 2.34 -23.27
CA GLU A 72 -7.70 2.42 -24.43
C GLU A 72 -7.11 1.75 -25.68
N TRP A 73 -5.80 1.81 -25.84
CA TRP A 73 -5.14 1.12 -26.96
C TRP A 73 -5.42 -0.37 -26.85
N GLU A 74 -5.19 -0.91 -25.66
CA GLU A 74 -5.40 -2.33 -25.41
C GLU A 74 -6.86 -2.71 -25.60
N ALA A 75 -7.76 -1.93 -24.99
CA ALA A 75 -9.20 -2.15 -25.12
C ALA A 75 -9.64 -2.21 -26.57
N LYS A 76 -9.17 -1.27 -27.39
CA LYS A 76 -9.57 -1.25 -28.80
C LYS A 76 -9.02 -2.48 -29.52
N GLU A 77 -7.76 -2.80 -29.25
CA GLU A 77 -7.14 -3.89 -30.02
C GLU A 77 -7.78 -5.23 -29.71
N ILE A 78 -8.05 -5.53 -28.45
CA ILE A 78 -8.56 -6.85 -28.13
C ILE A 78 -10.05 -6.95 -28.48
N ALA A 79 -10.69 -5.81 -28.72
CA ALA A 79 -12.06 -5.79 -29.26
C ALA A 79 -12.06 -5.87 -30.78
N GLY A 80 -10.88 -5.90 -31.38
CA GLY A 80 -10.75 -6.06 -32.83
C GLY A 80 -10.69 -4.78 -33.64
N TYR A 81 -10.49 -3.64 -32.98
CA TYR A 81 -10.46 -2.35 -33.65
C TYR A 81 -9.06 -1.94 -34.03
N ASN A 82 -8.94 -1.17 -35.12
CA ASN A 82 -7.71 -0.48 -35.44
C ASN A 82 -7.36 0.50 -34.33
N VAL A 83 -6.09 0.59 -33.99
CA VAL A 83 -5.65 1.52 -32.96
C VAL A 83 -4.78 2.61 -33.55
N GLU A 84 -5.34 3.80 -33.71
CA GLU A 84 -4.54 4.95 -34.13
C GLU A 84 -3.82 5.50 -32.91
N THR A 85 -2.50 5.44 -32.93
CA THR A 85 -1.69 5.95 -31.84
C THR A 85 -1.08 7.28 -32.23
N PRO A 86 -0.95 8.22 -31.27
CA PRO A 86 -1.36 8.08 -29.86
C PRO A 86 -2.87 8.10 -29.67
N ALA A 87 -3.56 8.80 -30.57
CA ALA A 87 -5.01 8.91 -30.51
C ALA A 87 -5.54 9.34 -31.87
N PRO A 88 -6.79 8.97 -32.18
CA PRO A 88 -7.37 9.44 -33.44
C PRO A 88 -7.34 10.96 -33.53
N GLY A 89 -6.86 11.48 -34.65
CA GLY A 89 -6.79 12.92 -34.84
C GLY A 89 -5.51 13.52 -34.31
N TYR A 90 -4.72 12.73 -33.60
CA TYR A 90 -3.47 13.22 -33.03
C TYR A 90 -2.29 12.38 -33.50
N LYS A 91 -1.13 13.01 -33.56
CA LYS A 91 0.07 12.36 -34.11
C LYS A 91 1.24 12.47 -33.15
N TRP A 92 2.20 11.56 -33.31
CA TRP A 92 3.36 11.50 -32.41
C TRP A 92 4.26 12.73 -32.52
N ASN A 93 4.22 13.42 -33.66
CA ASN A 93 5.03 14.62 -33.83
C ASN A 93 4.33 15.86 -33.28
N ASN A 94 3.15 15.68 -32.73
CA ASN A 94 2.38 16.78 -32.16
C ASN A 94 1.78 16.43 -30.81
N LEU A 95 2.63 15.90 -29.92
CA LEU A 95 2.18 15.51 -28.58
C LEU A 95 1.67 16.72 -27.79
N GLY A 96 2.15 17.91 -28.14
CA GLY A 96 1.69 19.14 -27.52
C GLY A 96 0.19 19.34 -27.70
N GLY A 97 -0.28 19.05 -28.91
CA GLY A 97 -1.71 19.08 -29.20
C GLY A 97 -2.44 18.00 -28.42
N LEU A 98 -1.82 16.82 -28.32
CA LEU A 98 -2.40 15.74 -27.54
C LEU A 98 -2.51 16.13 -26.07
N TYR A 99 -1.45 16.75 -25.55
CA TYR A 99 -1.44 17.17 -24.14
C TYR A 99 -2.56 18.17 -23.93
N GLN A 100 -2.72 19.09 -24.88
CA GLN A 100 -3.76 20.10 -24.80
C GLN A 100 -5.13 19.42 -24.69
N SER A 101 -5.31 18.31 -25.41
CA SER A 101 -6.55 17.55 -25.32
C SER A 101 -6.69 16.89 -23.95
N PHE A 102 -5.57 16.45 -23.38
CA PHE A 102 -5.56 15.97 -22.00
C PHE A 102 -6.00 17.07 -21.01
N TYR A 103 -5.38 18.24 -21.10
CA TYR A 103 -5.66 19.32 -20.15
C TYR A 103 -7.13 19.69 -20.23
N LYS A 104 -7.67 19.70 -21.45
CA LYS A 104 -9.05 20.09 -21.65
C LYS A 104 -9.99 19.02 -21.11
N LYS A 105 -9.63 17.76 -21.33
CA LYS A 105 -10.48 16.65 -20.93
C LYS A 105 -10.58 16.45 -19.41
N TYR A 106 -9.45 16.54 -18.71
CA TYR A 106 -9.46 16.20 -17.30
C TYR A 106 -9.37 17.44 -16.41
N GLY A 107 -9.11 18.59 -17.01
CA GLY A 107 -8.91 19.82 -16.26
C GLY A 107 -10.16 20.45 -15.67
N ILE A 108 -11.33 19.87 -15.95
CA ILE A 108 -12.59 20.37 -15.38
C ILE A 108 -12.87 19.73 -14.03
N TYR A 109 -11.98 18.85 -13.58
CA TYR A 109 -12.14 18.17 -12.30
C TYR A 109 -11.22 18.74 -11.25
N SER A 110 -11.57 18.56 -9.98
CA SER A 110 -10.75 19.04 -8.87
C SER A 110 -9.51 18.18 -8.70
N ILE A 111 -8.61 18.58 -7.81
CA ILE A 111 -7.46 17.73 -7.51
C ILE A 111 -7.95 16.43 -6.92
N LYS A 112 -8.90 16.54 -6.00
CA LYS A 112 -9.45 15.38 -5.33
C LYS A 112 -10.07 14.43 -6.34
N GLU A 113 -10.81 14.99 -7.28
CA GLU A 113 -11.45 14.20 -8.33
C GLU A 113 -10.40 13.57 -9.26
N GLN A 114 -9.43 14.37 -9.71
CA GLN A 114 -8.38 13.85 -10.63
C GLN A 114 -7.54 12.74 -9.95
N ARG A 115 -7.28 12.91 -8.65
CA ARG A 115 -6.52 11.92 -7.90
C ARG A 115 -7.27 10.59 -7.81
N ALA A 116 -8.57 10.67 -7.55
CA ALA A 116 -9.40 9.48 -7.45
C ALA A 116 -9.46 8.74 -8.78
N LYS A 117 -9.61 9.51 -9.86
CA LYS A 117 -9.65 8.92 -11.19
C LYS A 117 -8.34 8.22 -11.52
N LEU A 118 -7.22 8.89 -11.20
CA LEU A 118 -5.91 8.35 -11.50
C LEU A 118 -5.65 7.09 -10.70
N ARG A 119 -6.05 7.10 -9.44
CA ARG A 119 -5.91 5.92 -8.61
C ARG A 119 -6.68 4.76 -9.23
N GLU A 120 -7.88 5.03 -9.74
CA GLU A 120 -8.65 3.97 -10.39
C GLU A 120 -7.98 3.49 -11.67
N ALA A 121 -7.46 4.40 -12.47
CA ALA A 121 -6.78 4.03 -13.71
C ALA A 121 -5.53 3.18 -13.45
N VAL A 122 -4.77 3.51 -12.41
CA VAL A 122 -3.59 2.74 -12.09
C VAL A 122 -3.98 1.35 -11.61
N ASN A 123 -5.10 1.24 -10.90
CA ASN A 123 -5.56 -0.07 -10.47
C ASN A 123 -5.91 -0.91 -11.69
N GLU A 124 -6.42 -0.27 -12.74
CA GLU A 124 -6.77 -0.98 -13.97
C GLU A 124 -5.51 -1.49 -14.66
N VAL A 125 -4.43 -0.74 -14.51
CA VAL A 125 -3.16 -1.18 -15.05
C VAL A 125 -2.66 -2.42 -14.29
N TYR A 126 -2.78 -2.42 -12.96
CA TYR A 126 -2.43 -3.62 -12.18
C TYR A 126 -3.20 -4.83 -12.68
N LYS A 127 -4.50 -4.65 -12.89
CA LYS A 127 -5.40 -5.71 -13.33
C LYS A 127 -5.01 -6.21 -14.72
N TRP A 128 -4.67 -5.27 -15.59
CA TRP A 128 -4.24 -5.60 -16.95
C TRP A 128 -2.96 -6.43 -16.96
N ILE A 129 -1.95 -6.01 -16.20
CA ILE A 129 -0.70 -6.75 -16.11
C ILE A 129 -0.95 -8.18 -15.66
N SER A 130 -1.85 -8.34 -14.71
CA SER A 130 -2.16 -9.64 -14.15
C SER A 130 -2.75 -10.57 -15.21
N THR A 131 -3.56 -10.02 -16.13
CA THR A 131 -4.27 -10.86 -17.10
C THR A 131 -3.44 -11.18 -18.33
N LEU A 132 -2.37 -10.44 -18.54
CA LEU A 132 -1.50 -10.70 -19.68
C LEU A 132 -0.79 -12.03 -19.52
N SER A 133 -0.53 -12.72 -20.61
CA SER A 133 0.37 -13.86 -20.51
C SER A 133 1.78 -13.29 -20.34
N ASP A 134 2.70 -14.13 -19.88
CA ASP A 134 4.09 -13.72 -19.73
C ASP A 134 4.64 -13.22 -21.06
N ASP A 135 4.35 -13.94 -22.14
CA ASP A 135 4.83 -13.57 -23.46
C ASP A 135 4.22 -12.25 -23.92
N GLU A 136 2.92 -12.06 -23.67
CA GLU A 136 2.23 -10.87 -24.14
C GLU A 136 2.80 -9.65 -23.45
N LEU A 137 3.25 -9.83 -22.22
CA LEU A 137 3.80 -8.72 -21.46
C LEU A 137 5.24 -8.44 -21.85
N PHE A 138 6.02 -9.50 -22.07
CA PHE A 138 7.47 -9.36 -22.11
C PHE A 138 8.13 -9.53 -23.47
N GLN A 139 7.40 -10.10 -24.44
CA GLN A 139 7.96 -10.38 -25.76
C GLN A 139 7.27 -9.56 -26.85
N ALA A 140 8.05 -9.00 -27.77
CA ALA A 140 7.50 -8.22 -28.87
C ALA A 140 6.72 -9.10 -29.83
N GLY A 141 5.90 -8.48 -30.67
CA GLY A 141 5.11 -9.18 -31.66
C GLY A 141 3.75 -9.64 -31.18
N ASN A 142 3.30 -9.16 -30.03
CA ASN A 142 2.02 -9.58 -29.44
C ASN A 142 0.89 -8.57 -29.54
N ARG A 143 1.22 -7.29 -29.55
CA ARG A 143 0.21 -6.26 -29.81
C ARG A 143 0.57 -5.39 -31.00
N LYS A 144 -0.42 -5.18 -31.87
CA LYS A 144 -0.26 -4.21 -32.95
C LYS A 144 0.07 -2.82 -32.39
N TRP A 145 -0.64 -2.41 -31.35
CA TRP A 145 -0.49 -1.05 -30.87
C TRP A 145 0.92 -0.82 -30.32
N ALA A 146 1.55 -1.88 -29.82
CA ALA A 146 2.90 -1.78 -29.28
C ALA A 146 3.95 -1.67 -30.38
N THR A 147 3.58 -2.07 -31.58
CA THR A 147 4.48 -2.07 -32.74
C THR A 147 4.78 -0.65 -33.21
N THR A 148 3.97 0.29 -32.73
CA THR A 148 4.14 1.71 -33.02
C THR A 148 5.60 2.17 -32.85
N LYS A 149 6.27 1.62 -31.84
CA LYS A 149 7.72 1.69 -31.77
C LYS A 149 8.27 0.28 -31.94
N ALA A 150 8.98 0.07 -33.04
CA ALA A 150 9.46 -1.24 -33.47
C ALA A 150 10.14 -2.04 -32.37
N MET A 151 9.65 -3.25 -32.17
CA MET A 151 10.26 -4.25 -31.28
C MET A 151 10.13 -3.98 -29.77
N TRP A 152 9.35 -2.97 -29.38
CA TRP A 152 9.04 -2.74 -27.98
C TRP A 152 7.97 -3.69 -27.44
N PRO A 153 8.30 -4.48 -26.40
CA PRO A 153 7.27 -5.27 -25.74
C PRO A 153 6.31 -4.37 -24.95
N VAL A 154 5.13 -4.89 -24.65
CA VAL A 154 4.11 -4.14 -23.90
C VAL A 154 4.66 -3.53 -22.61
N TYR A 155 5.45 -4.29 -21.85
CA TYR A 155 5.94 -3.79 -20.55
C TYR A 155 6.70 -2.49 -20.68
N LYS A 156 7.39 -2.29 -21.80
CA LYS A 156 8.12 -1.04 -22.00
C LYS A 156 7.17 0.14 -22.10
N TRP A 157 6.10 -0.06 -22.87
CA TRP A 157 5.04 0.93 -23.01
C TRP A 157 4.41 1.25 -21.67
N ILE A 158 4.25 0.23 -20.84
CA ILE A 158 3.69 0.43 -19.50
C ILE A 158 4.66 1.23 -18.62
N HIS A 159 5.94 0.83 -18.60
CA HIS A 159 6.95 1.57 -17.82
C HIS A 159 6.98 3.05 -18.14
N ILE A 160 7.06 3.37 -19.42
CA ILE A 160 7.19 4.76 -19.85
C ILE A 160 5.92 5.59 -19.60
N ASN A 161 4.79 4.96 -19.31
CA ASN A 161 3.57 5.69 -19.01
C ASN A 161 3.13 5.62 -17.55
N THR A 162 3.94 4.96 -16.72
CA THR A 162 3.64 4.88 -15.30
C THR A 162 4.90 5.19 -14.50
N VAL A 163 5.75 4.19 -14.33
CA VAL A 163 6.96 4.33 -13.52
C VAL A 163 7.75 5.59 -13.86
N ALA A 164 8.08 5.77 -15.14
CA ALA A 164 8.90 6.89 -15.56
C ALA A 164 8.20 8.24 -15.30
N PRO A 165 6.98 8.46 -15.82
CA PRO A 165 6.43 9.79 -15.52
C PRO A 165 6.05 10.00 -14.04
N PHE A 166 5.66 8.95 -13.32
CA PHE A 166 5.35 9.16 -11.90
C PHE A 166 6.60 9.64 -11.13
N THR A 167 7.76 9.20 -11.59
CA THR A 167 9.03 9.66 -11.04
C THR A 167 9.31 11.11 -11.43
N ASN A 168 9.36 11.36 -12.73
CA ASN A 168 9.70 12.68 -13.25
CA ASN A 168 9.69 12.68 -13.26
C ASN A 168 8.72 13.75 -12.81
N PHE A 169 7.43 13.47 -12.91
CA PHE A 169 6.46 14.48 -12.51
C PHE A 169 6.30 14.63 -10.98
N ARG A 170 6.81 13.67 -10.21
CA ARG A 170 6.93 13.90 -8.77
C ARG A 170 7.94 15.02 -8.53
N GLY A 171 9.03 15.01 -9.28
CA GLY A 171 10.01 16.08 -9.19
C GLY A 171 9.39 17.43 -9.52
N LYS A 172 8.60 17.46 -10.58
CA LYS A 172 7.92 18.69 -11.02
C LYS A 172 6.93 19.19 -9.98
N ILE A 173 6.12 18.31 -9.40
CA ILE A 173 5.13 18.81 -8.44
C ILE A 173 5.78 19.23 -7.11
N ARG A 174 6.86 18.56 -6.70
CA ARG A 174 7.60 19.02 -5.54
C ARG A 174 8.20 20.40 -5.79
N LYS A 175 8.65 20.65 -7.02
CA LYS A 175 9.28 21.93 -7.36
C LYS A 175 8.21 23.02 -7.36
N TRP A 176 7.03 22.67 -7.87
CA TRP A 176 5.90 23.58 -7.83
C TRP A 176 5.63 24.02 -6.40
N LYS A 177 5.66 23.06 -5.48
CA LYS A 177 5.40 23.35 -4.07
C LYS A 177 6.49 24.20 -3.46
N ARG A 178 7.73 24.02 -3.93
CA ARG A 178 8.84 24.83 -3.42
C ARG A 178 8.67 26.29 -3.81
N LEU A 179 8.06 26.53 -4.97
CA LEU A 179 8.09 27.87 -5.53
C LEU A 179 6.77 28.63 -5.50
N VAL A 180 5.67 27.96 -5.19
CA VAL A 180 4.35 28.60 -5.27
C VAL A 180 4.25 29.72 -4.23
N PRO A 181 3.80 30.91 -4.65
CA PRO A 181 3.61 32.06 -3.76
C PRO A 181 2.59 31.77 -2.65
N GLU A 182 2.73 32.45 -1.51
CA GLU A 182 1.73 32.42 -0.46
C GLU A 182 0.40 32.95 -0.95
N ARG B 14 14.95 -15.70 16.32
CA ARG B 14 14.56 -16.55 17.44
C ARG B 14 13.85 -17.82 16.96
N GLU B 15 14.22 -18.96 17.53
CA GLU B 15 13.67 -20.25 17.16
C GLU B 15 12.94 -20.90 18.34
N TYR B 16 11.88 -21.65 18.06
CA TYR B 16 11.12 -22.30 19.13
C TYR B 16 11.05 -23.81 18.92
N THR B 17 11.03 -24.56 20.02
CA THR B 17 11.07 -26.02 19.94
C THR B 17 9.74 -26.68 20.28
N SER B 18 8.77 -25.91 20.79
CA SER B 18 7.52 -26.49 21.26
C SER B 18 6.39 -25.47 21.38
N LYS B 19 5.16 -25.97 21.43
CA LYS B 19 4.00 -25.11 21.65
C LYS B 19 4.10 -24.38 22.98
N LYS B 20 4.46 -25.12 24.02
CA LYS B 20 4.55 -24.55 25.36
C LYS B 20 5.56 -23.41 25.38
N GLU B 21 6.70 -23.61 24.73
CA GLU B 21 7.75 -22.59 24.68
C GLU B 21 7.24 -21.31 24.00
N LEU B 22 6.60 -21.48 22.86
CA LEU B 22 6.05 -20.36 22.10
C LEU B 22 4.95 -19.65 22.87
N LYS B 23 4.02 -20.41 23.43
CA LYS B 23 2.95 -19.82 24.24
C LYS B 23 3.51 -19.05 25.42
N GLU B 24 4.43 -19.66 26.15
CA GLU B 24 4.99 -19.01 27.34
C GLU B 24 5.71 -17.71 27.00
N GLU B 25 6.40 -17.66 25.85
CA GLU B 25 7.09 -16.44 25.46
C GLU B 25 6.12 -15.35 25.02
N ILE B 26 5.10 -15.73 24.27
CA ILE B 26 4.04 -14.78 23.94
C ILE B 26 3.46 -14.19 25.20
N GLU B 27 3.11 -15.06 26.14
CA GLU B 27 2.51 -14.62 27.39
C GLU B 27 3.46 -13.73 28.18
N LYS B 28 4.72 -14.13 28.26
CA LYS B 28 5.73 -13.36 28.96
C LYS B 28 5.80 -11.92 28.43
N LYS B 29 5.94 -11.78 27.11
CA LYS B 29 6.09 -10.47 26.50
C LYS B 29 4.75 -9.73 26.44
N TYR B 30 3.65 -10.43 26.16
CA TYR B 30 2.35 -9.79 26.15
C TYR B 30 2.00 -9.19 27.53
N GLU B 31 2.17 -9.98 28.60
CA GLU B 31 1.76 -9.46 29.90
C GLU B 31 2.63 -8.25 30.31
N LYS B 32 3.92 -8.26 30.01
CA LYS B 32 4.75 -7.12 30.33
C LYS B 32 4.27 -5.88 29.57
N TYR B 33 3.86 -6.11 28.33
CA TYR B 33 3.38 -5.03 27.48
C TYR B 33 2.08 -4.47 28.01
N ASP B 34 1.11 -5.34 28.28
CA ASP B 34 -0.22 -4.88 28.73
C ASP B 34 -0.15 -4.16 30.07
N ALA B 35 0.71 -4.63 30.96
CA ALA B 35 0.81 -4.05 32.29
C ALA B 35 1.20 -2.57 32.23
N GLU B 36 1.91 -2.18 31.16
CA GLU B 36 2.39 -0.79 31.08
C GLU B 36 1.24 0.21 30.99
N PHE B 37 0.10 -0.25 30.46
CA PHE B 37 -1.05 0.62 30.22
C PHE B 37 -1.91 0.84 31.45
N GLU B 38 -1.64 0.09 32.51
CA GLU B 38 -2.46 0.15 33.73
C GLU B 38 -2.44 1.54 34.38
N THR B 39 -1.33 2.26 34.24
CA THR B 39 -1.18 3.56 34.90
C THR B 39 -1.38 4.74 33.95
N ILE B 40 -1.83 4.47 32.73
CA ILE B 40 -2.03 5.53 31.75
C ILE B 40 -3.44 6.09 31.84
N SER B 41 -3.54 7.42 31.93
CA SER B 41 -4.84 8.07 32.02
C SER B 41 -5.61 7.96 30.70
N GLU B 42 -6.91 7.66 30.78
CA GLU B 42 -7.75 7.67 29.60
C GLU B 42 -7.72 9.05 28.93
N SER B 43 -7.58 10.09 29.76
CA SER B 43 -7.58 11.46 29.24
C SER B 43 -6.34 11.72 28.40
N GLN B 44 -5.33 10.88 28.54
CA GLN B 44 -4.08 11.06 27.79
C GLN B 44 -3.90 10.02 26.67
N LYS B 45 -4.94 9.26 26.33
CA LYS B 45 -4.78 8.14 25.38
C LYS B 45 -4.40 8.60 23.97
N ASP B 46 -4.62 9.88 23.67
CA ASP B 46 -4.37 10.41 22.32
C ASP B 46 -3.26 11.46 22.29
N GLU B 47 -2.50 11.55 23.38
CA GLU B 47 -1.45 12.55 23.48
C GLU B 47 -0.24 12.16 22.64
N LYS B 48 0.12 13.04 21.70
CA LYS B 48 1.31 12.84 20.89
C LYS B 48 2.49 13.48 21.61
N VAL B 49 3.44 12.62 21.96
CA VAL B 49 4.60 13.03 22.72
C VAL B 49 5.82 13.13 21.81
N GLU B 50 6.66 14.13 22.07
CA GLU B 50 7.83 14.41 21.23
C GLU B 50 8.76 13.22 21.05
N THR B 51 9.06 12.93 19.77
CA THR B 51 9.93 11.82 19.31
C THR B 51 9.36 10.42 19.52
N VAL B 52 8.13 10.33 20.01
CA VAL B 52 7.46 9.03 20.15
C VAL B 52 6.40 8.91 19.06
N ASP B 53 6.56 7.95 18.15
CA ASP B 53 5.75 7.93 16.95
C ASP B 53 4.26 7.69 17.16
N ARG B 54 3.89 6.99 18.23
CA ARG B 54 2.48 6.61 18.45
C ARG B 54 1.98 7.01 19.82
N THR B 55 0.70 7.34 19.90
CA THR B 55 0.01 7.54 21.16
C THR B 55 -0.26 6.18 21.81
N PRO B 56 -0.67 6.15 23.09
CA PRO B 56 -1.01 4.85 23.68
C PRO B 56 -2.14 4.15 22.94
N SER B 57 -3.15 4.92 22.54
CA SER B 57 -4.26 4.35 21.77
C SER B 57 -3.78 3.77 20.44
N GLU B 58 -2.91 4.50 19.74
CA GLU B 58 -2.41 4.03 18.45
C GLU B 58 -1.53 2.78 18.64
N ASN B 59 -0.78 2.77 19.73
CA ASN B 59 0.07 1.63 20.09
C ASN B 59 -0.76 0.36 20.24
N LEU B 60 -1.83 0.45 21.03
CA LEU B 60 -2.75 -0.69 21.18
C LEU B 60 -3.45 -1.05 19.86
N SER B 61 -3.87 -0.04 19.09
CA SER B 61 -4.55 -0.28 17.81
C SER B 61 -3.68 -1.06 16.80
N TYR B 62 -2.38 -0.78 16.82
CA TYR B 62 -1.40 -1.50 16.02
C TYR B 62 -1.44 -3.00 16.31
N GLN B 63 -1.42 -3.36 17.59
CA GLN B 63 -1.43 -4.78 17.95
C GLN B 63 -2.76 -5.41 17.59
N LEU B 64 -3.84 -4.72 17.93
CA LEU B 64 -5.16 -5.21 17.55
C LEU B 64 -5.22 -5.43 16.04
N GLY B 65 -4.66 -4.51 15.26
CA GLY B 65 -4.64 -4.69 13.82
C GLY B 65 -3.96 -5.97 13.38
N TRP B 66 -2.69 -6.12 13.73
CA TRP B 66 -1.94 -7.28 13.24
C TRP B 66 -2.36 -8.60 13.86
N VAL B 67 -2.64 -8.62 15.16
CA VAL B 67 -3.02 -9.89 15.79
C VAL B 67 -4.32 -10.36 15.22
N ASN B 68 -5.27 -9.45 15.08
CA ASN B 68 -6.54 -9.83 14.47
C ASN B 68 -6.42 -10.24 13.00
N LEU B 69 -5.55 -9.57 12.24
CA LEU B 69 -5.30 -9.98 10.85
C LEU B 69 -4.75 -11.40 10.79
N LEU B 70 -3.78 -11.69 11.66
CA LEU B 70 -3.19 -13.03 11.74
C LEU B 70 -4.25 -14.12 11.94
N LEU B 71 -5.09 -13.90 12.95
CA LEU B 71 -6.20 -14.79 13.24
C LEU B 71 -7.14 -14.91 12.04
N GLU B 72 -7.41 -13.79 11.37
CA GLU B 72 -8.29 -13.76 10.20
C GLU B 72 -7.70 -14.52 9.00
N TRP B 73 -6.38 -14.46 8.81
CA TRP B 73 -5.77 -15.22 7.71
C TRP B 73 -6.08 -16.71 7.90
N GLU B 74 -5.89 -17.17 9.12
CA GLU B 74 -6.13 -18.57 9.46
C GLU B 74 -7.62 -18.92 9.36
N ALA B 75 -8.49 -18.07 9.92
CA ALA B 75 -9.93 -18.33 9.87
C ALA B 75 -10.41 -18.43 8.42
N LYS B 76 -9.93 -17.54 7.57
CA LYS B 76 -10.36 -17.58 6.17
C LYS B 76 -9.84 -18.84 5.50
N GLU B 77 -8.56 -19.16 5.72
CA GLU B 77 -7.99 -20.28 4.98
C GLU B 77 -8.64 -21.59 5.38
N ILE B 78 -8.88 -21.82 6.66
CA ILE B 78 -9.44 -23.12 7.05
C ILE B 78 -10.95 -23.20 6.72
N ALA B 79 -11.56 -22.07 6.37
CA ALA B 79 -12.94 -22.05 5.90
C ALA B 79 -12.99 -22.18 4.38
N GLY B 80 -11.81 -22.25 3.76
CA GLY B 80 -11.69 -22.47 2.34
C GLY B 80 -11.67 -21.21 1.48
N TYR B 81 -11.41 -20.07 2.10
CA TYR B 81 -11.36 -18.81 1.37
C TYR B 81 -9.95 -18.46 0.94
N ASN B 82 -9.87 -17.72 -0.16
CA ASN B 82 -8.61 -17.10 -0.57
C ASN B 82 -8.18 -16.08 0.47
N VAL B 83 -6.90 -16.05 0.81
CA VAL B 83 -6.43 -15.07 1.76
C VAL B 83 -5.50 -14.06 1.11
N GLU B 84 -6.01 -12.84 0.95
CA GLU B 84 -5.22 -11.74 0.45
C GLU B 84 -4.48 -11.11 1.61
N THR B 85 -3.14 -11.13 1.56
CA THR B 85 -2.33 -10.58 2.65
C THR B 85 -1.62 -9.29 2.22
N PRO B 86 -1.42 -8.35 3.17
CA PRO B 86 -1.82 -8.42 4.58
C PRO B 86 -3.33 -8.34 4.75
N ALA B 87 -3.99 -7.63 3.84
CA ALA B 87 -5.43 -7.46 3.87
C ALA B 87 -5.96 -7.18 2.47
N PRO B 88 -7.24 -7.45 2.23
CA PRO B 88 -7.78 -7.11 0.91
C PRO B 88 -7.71 -5.61 0.65
N GLY B 89 -7.09 -5.21 -0.45
CA GLY B 89 -6.97 -3.80 -0.78
C GLY B 89 -5.72 -3.14 -0.23
N TYR B 90 -4.96 -3.88 0.58
CA TYR B 90 -3.72 -3.38 1.12
C TYR B 90 -2.55 -4.23 0.68
N LYS B 91 -1.40 -3.60 0.48
CA LYS B 91 -0.24 -4.32 -0.02
C LYS B 91 0.97 -4.16 0.88
N TRP B 92 1.87 -5.13 0.81
CA TRP B 92 2.99 -5.22 1.75
C TRP B 92 3.99 -4.07 1.62
N ASN B 93 3.88 -3.29 0.55
CA ASN B 93 4.74 -2.12 0.37
C ASN B 93 4.01 -0.82 0.72
N ASN B 94 2.80 -0.95 1.24
CA ASN B 94 2.06 0.20 1.75
C ASN B 94 1.48 -0.13 3.12
N LEU B 95 2.35 -0.50 4.06
CA LEU B 95 1.91 -0.83 5.40
C LEU B 95 1.45 0.42 6.12
N GLY B 96 2.01 1.56 5.72
CA GLY B 96 1.60 2.85 6.23
C GLY B 96 0.09 3.02 6.12
N GLY B 97 -0.45 2.73 4.95
CA GLY B 97 -1.88 2.83 4.73
C GLY B 97 -2.64 1.80 5.55
N LEU B 98 -2.06 0.61 5.68
CA LEU B 98 -2.67 -0.44 6.49
C LEU B 98 -2.73 -0.01 7.96
N TYR B 99 -1.63 0.58 8.45
CA TYR B 99 -1.59 1.02 9.85
C TYR B 99 -2.68 2.05 10.08
N GLN B 100 -2.84 2.95 9.11
CA GLN B 100 -3.90 3.94 9.17
C GLN B 100 -5.27 3.29 9.28
N SER B 101 -5.44 2.15 8.62
CA SER B 101 -6.72 1.45 8.72
C SER B 101 -6.91 0.85 10.12
N PHE B 102 -5.81 0.43 10.75
CA PHE B 102 -5.85 -0.01 12.12
C PHE B 102 -6.27 1.11 13.07
N TYR B 103 -5.64 2.27 12.91
CA TYR B 103 -5.88 3.38 13.83
C TYR B 103 -7.34 3.80 13.76
N LYS B 104 -7.87 3.82 12.53
CA LYS B 104 -9.27 4.19 12.32
C LYS B 104 -10.21 3.13 12.89
N LYS B 105 -9.88 1.86 12.68
CA LYS B 105 -10.75 0.77 13.09
C LYS B 105 -10.88 0.61 14.60
N TYR B 106 -9.76 0.70 15.30
CA TYR B 106 -9.77 0.44 16.74
C TYR B 106 -9.65 1.70 17.58
N GLY B 107 -9.45 2.85 16.94
CA GLY B 107 -9.22 4.09 17.67
C GLY B 107 -10.47 4.66 18.29
N ILE B 108 -11.63 4.09 17.95
CA ILE B 108 -12.88 4.57 18.55
C ILE B 108 -13.14 3.95 19.91
N TYR B 109 -12.20 3.12 20.37
CA TYR B 109 -12.33 2.45 21.66
C TYR B 109 -11.38 3.08 22.68
N SER B 110 -11.74 2.96 23.95
CA SER B 110 -10.90 3.48 25.03
C SER B 110 -9.70 2.56 25.24
N ILE B 111 -8.75 3.00 26.05
CA ILE B 111 -7.63 2.12 26.38
C ILE B 111 -8.15 0.84 27.03
N LYS B 112 -9.06 1.00 27.98
CA LYS B 112 -9.67 -0.13 28.68
C LYS B 112 -10.30 -1.10 27.68
N GLU B 113 -11.05 -0.55 26.74
CA GLU B 113 -11.72 -1.36 25.72
C GLU B 113 -10.71 -2.03 24.80
N GLN B 114 -9.75 -1.27 24.29
CA GLN B 114 -8.71 -1.82 23.44
C GLN B 114 -7.88 -2.90 24.15
N ARG B 115 -7.57 -2.70 25.43
CA ARG B 115 -6.80 -3.72 26.17
C ARG B 115 -7.58 -5.03 26.28
N ALA B 116 -8.85 -4.91 26.61
CA ALA B 116 -9.73 -6.07 26.74
C ALA B 116 -9.83 -6.83 25.42
N LYS B 117 -10.01 -6.07 24.33
CA LYS B 117 -10.04 -6.68 23.00
C LYS B 117 -8.72 -7.42 22.70
N LEU B 118 -7.58 -6.82 23.06
CA LEU B 118 -6.29 -7.42 22.76
C LEU B 118 -6.08 -8.68 23.60
N ARG B 119 -6.53 -8.62 24.86
CA ARG B 119 -6.38 -9.75 25.76
C ARG B 119 -7.14 -10.94 25.18
N GLU B 120 -8.36 -10.69 24.71
CA GLU B 120 -9.13 -11.78 24.11
C GLU B 120 -8.49 -12.30 22.80
N ALA B 121 -7.90 -11.40 22.02
CA ALA B 121 -7.23 -11.80 20.79
C ALA B 121 -6.00 -12.66 21.08
N VAL B 122 -5.24 -12.29 22.10
CA VAL B 122 -4.05 -13.03 22.44
C VAL B 122 -4.45 -14.41 22.96
N ASN B 123 -5.54 -14.46 23.71
CA ASN B 123 -6.07 -15.73 24.18
C ASN B 123 -6.47 -16.64 23.02
N GLU B 124 -7.00 -16.03 21.97
CA GLU B 124 -7.35 -16.79 20.77
C GLU B 124 -6.08 -17.35 20.14
N VAL B 125 -4.99 -16.61 20.24
CA VAL B 125 -3.72 -17.10 19.71
C VAL B 125 -3.23 -18.31 20.50
N TYR B 126 -3.36 -18.29 21.83
CA TYR B 126 -3.02 -19.45 22.64
C TYR B 126 -3.79 -20.68 22.19
N LYS B 127 -5.11 -20.52 22.08
CA LYS B 127 -6.01 -21.60 21.68
C LYS B 127 -5.63 -22.14 20.31
N TRP B 128 -5.32 -21.23 19.39
CA TRP B 128 -4.93 -21.59 18.04
C TRP B 128 -3.69 -22.47 18.01
N ILE B 129 -2.63 -21.98 18.65
CA ILE B 129 -1.37 -22.72 18.75
C ILE B 129 -1.61 -24.12 19.29
N SER B 130 -2.52 -24.23 20.26
CA SER B 130 -2.81 -25.50 20.91
C SER B 130 -3.48 -26.48 19.97
N THR B 131 -4.29 -25.98 19.04
CA THR B 131 -5.02 -26.85 18.12
C THR B 131 -4.19 -27.29 16.92
N LEU B 132 -3.17 -26.52 16.57
CA LEU B 132 -2.34 -26.83 15.41
C LEU B 132 -1.58 -28.12 15.62
N SER B 133 -1.34 -28.87 14.55
CA SER B 133 -0.41 -29.98 14.67
C SER B 133 1.00 -29.41 14.72
N ASP B 134 1.93 -30.22 15.21
CA ASP B 134 3.33 -29.85 15.28
C ASP B 134 3.89 -29.42 13.92
N ASP B 135 3.56 -30.16 12.87
CA ASP B 135 4.05 -29.81 11.54
C ASP B 135 3.42 -28.52 11.02
N GLU B 136 2.15 -28.29 11.36
CA GLU B 136 1.44 -27.10 10.87
C GLU B 136 2.04 -25.86 11.50
N LEU B 137 2.54 -26.02 12.71
CA LEU B 137 3.09 -24.91 13.46
C LEU B 137 4.56 -24.67 13.09
N PHE B 138 5.31 -25.74 12.87
CA PHE B 138 6.75 -25.63 12.78
C PHE B 138 7.37 -25.87 11.42
N GLN B 139 6.62 -26.43 10.48
CA GLN B 139 7.16 -26.75 9.16
C GLN B 139 6.53 -25.91 8.08
N ALA B 140 7.35 -25.40 7.17
CA ALA B 140 6.87 -24.62 6.05
C ALA B 140 5.98 -25.43 5.11
N GLY B 141 5.07 -24.73 4.42
CA GLY B 141 4.25 -25.38 3.41
C GLY B 141 2.95 -25.96 3.91
N ASN B 142 2.48 -25.48 5.06
CA ASN B 142 1.24 -25.98 5.66
C ASN B 142 0.10 -24.97 5.59
N ARG B 143 0.43 -23.69 5.42
CA ARG B 143 -0.60 -22.69 5.23
C ARG B 143 -0.28 -21.84 4.00
N LYS B 144 -1.26 -21.68 3.11
CA LYS B 144 -1.09 -20.78 1.98
C LYS B 144 -0.80 -19.35 2.42
N TRP B 145 -1.50 -18.88 3.44
CA TRP B 145 -1.29 -17.50 3.86
C TRP B 145 0.14 -17.28 4.37
N ALA B 146 0.80 -18.36 4.77
CA ALA B 146 2.13 -18.23 5.35
C ALA B 146 3.21 -18.19 4.26
N THR B 147 2.78 -18.26 3.00
CA THR B 147 3.70 -18.33 1.87
C THR B 147 4.38 -17.01 1.59
N THR B 148 3.62 -15.95 1.83
CA THR B 148 3.99 -14.57 1.48
C THR B 148 5.43 -14.22 1.87
N LYS B 149 5.87 -14.76 2.99
CA LYS B 149 7.28 -14.76 3.35
C LYS B 149 7.75 -16.17 3.11
N ALA B 150 8.55 -16.35 2.05
CA ALA B 150 8.95 -17.67 1.58
C ALA B 150 9.59 -18.53 2.66
N MET B 151 9.04 -19.73 2.85
CA MET B 151 9.59 -20.75 3.72
C MET B 151 9.60 -20.40 5.21
N TRP B 152 8.82 -19.39 5.59
CA TRP B 152 8.46 -19.15 6.99
C TRP B 152 7.34 -20.06 7.43
N PRO B 153 7.60 -20.91 8.43
CA PRO B 153 6.54 -21.68 9.07
C PRO B 153 5.61 -20.76 9.86
N VAL B 154 4.44 -21.26 10.21
CA VAL B 154 3.44 -20.49 10.94
C VAL B 154 4.01 -19.87 12.22
N TYR B 155 4.86 -20.59 12.96
CA TYR B 155 5.34 -20.05 14.24
C TYR B 155 6.12 -18.75 14.06
N LYS B 156 6.78 -18.57 12.91
CA LYS B 156 7.56 -17.35 12.70
C LYS B 156 6.62 -16.17 12.53
N TRP B 157 5.56 -16.41 11.78
CA TRP B 157 4.53 -15.40 11.58
C TRP B 157 3.86 -15.01 12.88
N ILE B 158 3.71 -15.98 13.77
CA ILE B 158 3.10 -15.74 15.06
C ILE B 158 4.07 -14.90 15.88
N HIS B 159 5.34 -15.31 15.88
CA HIS B 159 6.36 -14.58 16.61
C HIS B 159 6.43 -13.11 16.19
N ILE B 160 6.50 -12.86 14.88
CA ILE B 160 6.75 -11.51 14.37
C ILE B 160 5.55 -10.58 14.62
N ASN B 161 4.40 -11.16 14.96
CA ASN B 161 3.19 -10.38 15.22
C ASN B 161 2.73 -10.40 16.68
N THR B 162 3.52 -11.05 17.53
CA THR B 162 3.20 -11.13 18.96
C THR B 162 4.45 -10.82 19.78
N VAL B 163 5.30 -11.82 19.98
CA VAL B 163 6.52 -11.64 20.78
C VAL B 163 7.34 -10.43 20.34
N ALA B 164 7.61 -10.28 19.05
CA ALA B 164 8.45 -9.18 18.60
C ALA B 164 7.81 -7.78 18.86
N PRO B 165 6.60 -7.52 18.34
CA PRO B 165 6.02 -6.18 18.58
C PRO B 165 5.65 -5.93 20.04
N PHE B 166 5.28 -6.95 20.80
CA PHE B 166 5.01 -6.72 22.24
C PHE B 166 6.29 -6.26 22.97
N THR B 167 7.43 -6.72 22.49
CA THR B 167 8.72 -6.28 23.01
C THR B 167 9.02 -4.86 22.56
N ASN B 168 9.03 -4.65 21.24
CA ASN B 168 9.37 -3.34 20.69
CA ASN B 168 9.38 -3.34 20.70
C ASN B 168 8.41 -2.24 21.13
N PHE B 169 7.10 -2.53 21.09
CA PHE B 169 6.11 -1.50 21.46
C PHE B 169 5.97 -1.32 22.97
N ARG B 170 6.50 -2.27 23.75
CA ARG B 170 6.64 -2.03 25.18
C ARG B 170 7.69 -0.93 25.42
N GLY B 171 8.80 -0.99 24.69
CA GLY B 171 9.82 0.05 24.81
C GLY B 171 9.23 1.39 24.41
N LYS B 172 8.40 1.38 23.38
CA LYS B 172 7.78 2.61 22.90
C LYS B 172 6.81 3.21 23.92
N ILE B 173 5.94 2.39 24.50
CA ILE B 173 4.97 2.91 25.44
C ILE B 173 5.66 3.34 26.74
N ARG B 174 6.71 2.64 27.13
CA ARG B 174 7.51 3.10 28.26
C ARG B 174 8.10 4.47 27.98
N LYS B 175 8.56 4.67 26.75
CA LYS B 175 9.17 5.95 26.37
C LYS B 175 8.12 7.04 26.42
N TRP B 176 6.93 6.73 25.90
CA TRP B 176 5.81 7.66 25.97
C TRP B 176 5.55 8.09 27.42
N LYS B 177 5.57 7.13 28.33
CA LYS B 177 5.29 7.40 29.72
C LYS B 177 6.39 8.24 30.39
N ARG B 178 7.64 8.07 29.93
CA ARG B 178 8.74 8.90 30.43
C ARG B 178 8.56 10.36 30.04
N LEU B 179 8.05 10.60 28.84
CA LEU B 179 8.08 11.96 28.30
C LEU B 179 6.76 12.71 28.35
N VAL B 180 5.65 12.03 28.60
CA VAL B 180 4.35 12.72 28.61
C VAL B 180 4.26 13.77 29.74
N PRO B 181 3.76 14.97 29.40
CA PRO B 181 3.52 16.02 30.39
C PRO B 181 2.44 15.67 31.42
N GLU B 182 2.35 16.45 32.50
CA GLU B 182 1.30 16.28 33.50
C GLU B 182 -0.10 16.34 32.87
P PO4 C . 6.99 31.23 -16.59
O1 PO4 C . 6.88 31.62 -18.03
O2 PO4 C . 7.94 30.05 -16.50
O3 PO4 C . 5.67 30.82 -16.00
O4 PO4 C . 7.55 32.36 -15.78
CL CL D . 5.87 20.78 -14.55
K K E . -4.49 24.07 -14.42
P PO4 F . 6.92 15.33 17.51
O1 PO4 F . 6.74 15.70 16.06
O2 PO4 F . 7.61 16.44 18.25
O3 PO4 F . 5.60 15.07 18.19
O4 PO4 F . 7.77 14.08 17.60
K K G . -4.61 8.16 19.50
#